data_7O52
#
_entry.id   7O52
#
_cell.length_a   61.478
_cell.length_b   119.719
_cell.length_c   241.672
_cell.angle_alpha   90.000
_cell.angle_beta   90.000
_cell.angle_gamma   90.000
#
_symmetry.space_group_name_H-M   'I 2 2 2'
#
loop_
_entity.id
_entity.type
_entity.pdbx_description
1 polymer 'm971 Fab Heavy chain'
2 polymer 'm971 Fab Light chain'
3 polymer 'CD22 d6-d7 Ig domains'
4 non-polymer 'SULFATE ION'
5 non-polymer GLYCEROL
6 non-polymer 2-acetamido-2-deoxy-beta-D-glucopyranose
7 water water
#
loop_
_entity_poly.entity_id
_entity_poly.type
_entity_poly.pdbx_seq_one_letter_code
_entity_poly.pdbx_strand_id
1 'polypeptide(L)'
;TGQVQLQQSGPGLVKPSQTLSLTCAISGDSVSSNSAAWNWIRQSPSRGLEWLGRTYYRSKWYNDYAVSVKSRITINPDTS
KNQFSLQLNSVTPEDTAVYYCAREVTGDLEDAFDIWGQGTMVTVSSASTKGPSVFPLAPSSKSTSGGTAALGCLVKDYFP
EPVTVSWNSGALTSGVHTFPAVLQSSGLYSLSSVVTVPSSSLGTQTYICNVSHKPSNTKVDKKVEPKSC
;
H
2 'polypeptide(L)'
;TGDIQMTQSPSSLSASVGDRVTITCRASQTIWSYLNWYQQRPGKAPNLLIYAASSLQSGVPSRFSGRGSGTDFTLTISSL
QAEDFATYYCQQSYSIPQTFGQGTKLEIKRTVAAPSVFIFPPSDEQLKSGTASVVCLLNNFYPREAKVQWKVDNALQSGN
SQESVTEQDSKDSTYSLSSTLTLSKADYEKHKVYACEVTHQGLSSPVTKSFNRGEC
;
L
3 'polypeptide(L)'
;TGPRDVRVRKIKPLSEIHSGNSVSLQCDFSSSHPKEVQFFWEKNGRLLGKESQLNFDSISPEDAGSYSCWVNNSIGQTAS
KAWTLEVLYAPRRLRVSMSPGDQVMEGKSATLTCESDANPPVSHYTWFDWNNQSLPYHSQKLRLEPVKVQHSGAYWCQGT
NSVGKGRSPLSTLTVYYSPETIGRRGTKHHHHHH
;
U
#
loop_
_chem_comp.id
_chem_comp.type
_chem_comp.name
_chem_comp.formula
GOL non-polymer GLYCEROL 'C3 H8 O3'
NAG D-saccharide, beta linking 2-acetamido-2-deoxy-beta-D-glucopyranose 'C8 H15 N O6'
SO4 non-polymer 'SULFATE ION' 'O4 S -2'
#
# COMPACT_ATOMS: atom_id res chain seq x y z
N GLN A 3 -4.78 16.25 -13.63
CA GLN A 3 -3.91 15.43 -12.80
C GLN A 3 -4.13 15.69 -11.32
N VAL A 4 -4.34 14.63 -10.56
CA VAL A 4 -4.60 14.72 -9.12
C VAL A 4 -3.32 14.39 -8.37
N GLN A 5 -2.93 15.27 -7.44
CA GLN A 5 -1.71 15.10 -6.67
C GLN A 5 -1.97 15.47 -5.21
N LEU A 6 -1.27 14.79 -4.32
CA LEU A 6 -1.36 15.01 -2.88
C LEU A 6 0.00 15.36 -2.33
N GLN A 7 0.08 16.47 -1.59
CA GLN A 7 1.32 16.94 -0.99
C GLN A 7 1.19 16.92 0.52
N GLN A 8 2.12 16.27 1.19
CA GLN A 8 2.11 16.13 2.64
C GLN A 8 3.07 17.12 3.29
N SER A 9 2.77 17.47 4.53
CA SER A 9 3.62 18.34 5.32
C SER A 9 3.32 18.13 6.79
N GLY A 10 4.29 18.48 7.62
CA GLY A 10 4.16 18.32 9.05
C GLY A 10 5.46 17.89 9.71
N PRO A 11 5.58 18.13 11.01
CA PRO A 11 6.83 17.81 11.71
C PRO A 11 7.07 16.31 11.76
N GLY A 12 8.30 15.91 11.43
CA GLY A 12 8.68 14.52 11.46
C GLY A 12 9.24 14.03 12.79
N LEU A 13 9.38 14.93 13.76
CA LEU A 13 9.88 14.58 15.09
C LEU A 13 8.86 15.06 16.12
N VAL A 14 8.23 14.13 16.82
CA VAL A 14 7.23 14.43 17.84
C VAL A 14 7.71 13.85 19.16
N LYS A 15 7.69 14.67 20.20
CA LYS A 15 8.07 14.20 21.52
C LYS A 15 7.01 13.26 22.08
N PRO A 16 7.39 12.32 22.94
CA PRO A 16 6.41 11.39 23.52
C PRO A 16 5.31 12.11 24.27
N SER A 17 4.13 11.48 24.28
CA SER A 17 2.93 11.97 24.97
C SER A 17 2.36 13.23 24.32
N GLN A 18 3.10 13.85 23.41
CA GLN A 18 2.58 14.97 22.64
C GLN A 18 1.82 14.44 21.43
N THR A 19 1.33 15.35 20.59
CA THR A 19 0.37 14.99 19.54
C THR A 19 0.95 15.21 18.15
N LEU A 20 0.85 14.18 17.31
CA LEU A 20 1.24 14.26 15.91
C LEU A 20 0.21 15.06 15.12
N SER A 21 0.68 15.85 14.15
CA SER A 21 -0.21 16.64 13.31
C SER A 21 0.40 16.75 11.91
N LEU A 22 -0.30 16.19 10.93
CA LEU A 22 0.13 16.24 9.53
C LEU A 22 -0.98 16.81 8.67
N THR A 23 -0.62 17.19 7.45
CA THR A 23 -1.56 17.81 6.52
C THR A 23 -1.30 17.28 5.12
N CYS A 24 -2.39 17.03 4.38
CA CYS A 24 -2.32 16.55 3.00
C CYS A 24 -3.03 17.55 2.11
N ALA A 25 -2.26 18.30 1.31
CA ALA A 25 -2.83 19.27 0.39
C ALA A 25 -3.24 18.59 -0.91
N ILE A 26 -4.42 18.96 -1.41
CA ILE A 26 -5.02 18.33 -2.58
C ILE A 26 -4.89 19.26 -3.78
N SER A 27 -4.47 18.71 -4.90
CA SER A 27 -4.41 19.43 -6.17
C SER A 27 -5.15 18.63 -7.23
N GLY A 28 -5.94 19.33 -8.05
CA GLY A 28 -6.70 18.67 -9.10
C GLY A 28 -8.00 18.04 -8.65
N ASP A 29 -8.39 18.23 -7.40
CA ASP A 29 -9.63 17.69 -6.86
C ASP A 29 -9.99 18.47 -5.62
N SER A 30 -11.21 18.25 -5.13
CA SER A 30 -11.71 18.92 -3.94
C SER A 30 -11.95 17.92 -2.84
N VAL A 31 -11.70 18.33 -1.60
CA VAL A 31 -11.94 17.45 -0.45
C VAL A 31 -13.42 17.15 -0.28
N SER A 32 -14.29 18.04 -0.75
CA SER A 32 -15.73 17.84 -0.66
C SER A 32 -16.29 16.95 -1.76
N SER A 33 -15.43 16.25 -2.50
CA SER A 33 -15.89 15.38 -3.57
C SER A 33 -16.81 14.30 -3.03
N ASN A 34 -18.00 14.18 -3.63
CA ASN A 34 -18.97 13.18 -3.23
C ASN A 34 -18.70 11.81 -3.83
N SER A 35 -17.67 11.68 -4.67
CA SER A 35 -17.28 10.41 -5.26
C SER A 35 -15.91 9.94 -4.77
N ALA A 36 -15.48 10.41 -3.61
CA ALA A 36 -14.16 10.07 -3.09
C ALA A 36 -14.18 10.12 -1.57
N ALA A 37 -13.10 9.59 -0.98
CA ALA A 37 -12.86 9.67 0.45
C ALA A 37 -11.37 9.84 0.67
N TRP A 38 -11.01 10.60 1.71
CA TRP A 38 -9.63 11.02 1.94
C TRP A 38 -9.12 10.33 3.20
N ASN A 39 -8.14 9.45 3.02
CA ASN A 39 -7.72 8.50 4.04
C ASN A 39 -6.33 8.84 4.56
N TRP A 40 -5.97 8.19 5.67
CA TRP A 40 -4.62 8.20 6.21
C TRP A 40 -4.21 6.76 6.48
N ILE A 41 -3.06 6.36 5.94
CA ILE A 41 -2.55 5.00 6.06
C ILE A 41 -1.10 5.08 6.51
N ARG A 42 -0.77 4.39 7.60
CA ARG A 42 0.58 4.37 8.11
C ARG A 42 1.24 3.04 7.79
N GLN A 43 2.57 3.08 7.64
CA GLN A 43 3.36 1.90 7.32
C GLN A 43 4.61 1.89 8.18
N SER A 44 4.90 0.75 8.77
CA SER A 44 6.11 0.54 9.54
C SER A 44 6.62 -0.88 9.27
N PRO A 45 7.93 -1.10 9.34
CA PRO A 45 8.44 -2.48 9.22
C PRO A 45 7.94 -3.38 10.33
N SER A 46 7.50 -2.81 11.44
CA SER A 46 6.97 -3.60 12.54
C SER A 46 5.64 -4.24 12.15
N ARG A 47 4.73 -3.47 11.56
CA ARG A 47 3.35 -3.91 11.36
C ARG A 47 2.85 -3.83 9.92
N GLY A 48 3.59 -3.21 9.01
CA GLY A 48 3.12 -3.11 7.64
C GLY A 48 2.12 -1.97 7.45
N LEU A 49 1.30 -2.12 6.42
CA LEU A 49 0.32 -1.10 6.07
C LEU A 49 -0.95 -1.28 6.90
N GLU A 50 -1.36 -0.22 7.60
CA GLU A 50 -2.55 -0.24 8.44
C GLU A 50 -3.37 1.02 8.18
N TRP A 51 -4.63 0.82 7.80
CA TRP A 51 -5.54 1.95 7.59
C TRP A 51 -5.86 2.61 8.92
N LEU A 52 -5.73 3.93 8.96
CA LEU A 52 -5.94 4.70 10.19
C LEU A 52 -7.33 5.35 10.26
N GLY A 53 -7.78 5.97 9.18
CA GLY A 53 -9.05 6.65 9.18
C GLY A 53 -9.28 7.38 7.88
N ARG A 54 -10.43 8.03 7.80
CA ARG A 54 -10.79 8.78 6.60
C ARG A 54 -11.87 9.79 6.93
N THR A 55 -11.98 10.81 6.06
CA THR A 55 -13.04 11.79 6.11
C THR A 55 -13.60 12.00 4.72
N TYR A 56 -14.90 12.23 4.62
CA TYR A 56 -15.55 12.42 3.34
C TYR A 56 -16.82 13.25 3.53
N TYR A 57 -17.28 13.85 2.43
CA TYR A 57 -18.47 14.68 2.43
C TYR A 57 -19.47 14.15 1.41
N ARG A 58 -20.71 13.98 1.84
CA ARG A 58 -21.81 13.65 0.94
C ARG A 58 -22.85 14.76 1.02
N SER A 59 -23.66 14.74 2.08
CA SER A 59 -24.46 15.88 2.49
C SER A 59 -24.00 16.47 3.81
N LYS A 60 -23.30 15.69 4.64
CA LYS A 60 -22.62 16.15 5.84
C LYS A 60 -21.21 15.57 5.83
N TRP A 61 -20.42 15.97 6.81
CA TRP A 61 -19.07 15.46 6.96
C TRP A 61 -19.07 14.24 7.87
N TYR A 62 -18.44 13.16 7.44
CA TYR A 62 -18.40 11.92 8.18
C TYR A 62 -16.96 11.51 8.46
N ASN A 63 -16.79 10.53 9.35
CA ASN A 63 -15.49 10.03 9.74
C ASN A 63 -15.57 8.55 10.03
N ASP A 64 -14.62 7.79 9.48
CA ASP A 64 -14.43 6.39 9.83
C ASP A 64 -13.04 6.23 10.41
N TYR A 65 -12.94 5.57 11.57
CA TYR A 65 -11.69 5.44 12.28
C TYR A 65 -11.38 3.98 12.58
N ALA A 66 -10.11 3.61 12.50
CA ALA A 66 -9.67 2.34 13.03
C ALA A 66 -9.81 2.34 14.55
N VAL A 67 -10.24 1.21 15.10
CA VAL A 67 -10.43 1.12 16.55
C VAL A 67 -9.09 1.14 17.29
N SER A 68 -7.99 0.89 16.58
CA SER A 68 -6.67 0.98 17.21
C SER A 68 -6.42 2.36 17.78
N VAL A 69 -6.81 3.41 17.04
CA VAL A 69 -6.51 4.79 17.39
C VAL A 69 -7.78 5.62 17.56
N LYS A 70 -8.93 4.96 17.73
CA LYS A 70 -10.21 5.67 17.87
C LYS A 70 -10.16 6.73 18.96
N SER A 71 -9.41 6.47 20.03
CA SER A 71 -9.35 7.39 21.16
C SER A 71 -8.45 8.59 20.90
N ARG A 72 -7.53 8.51 19.95
CA ARG A 72 -6.52 9.54 19.76
C ARG A 72 -6.55 10.21 18.39
N ILE A 73 -7.24 9.64 17.41
CA ILE A 73 -7.16 10.12 16.04
C ILE A 73 -8.17 11.23 15.80
N THR A 74 -7.86 12.10 14.85
CA THR A 74 -8.76 13.19 14.46
C THR A 74 -8.40 13.60 13.05
N ILE A 75 -9.35 13.45 12.13
CA ILE A 75 -9.12 13.71 10.71
C ILE A 75 -10.15 14.75 10.27
N ASN A 76 -9.73 16.02 10.20
CA ASN A 76 -10.61 17.11 9.84
C ASN A 76 -10.27 17.68 8.47
N PRO A 77 -11.27 17.95 7.63
CA PRO A 77 -11.01 18.59 6.34
C PRO A 77 -10.96 20.10 6.45
N ASP A 78 -10.32 20.71 5.45
CA ASP A 78 -10.23 22.16 5.32
C ASP A 78 -10.75 22.55 3.94
N THR A 79 -11.93 23.17 3.92
CA THR A 79 -12.53 23.53 2.64
C THR A 79 -11.85 24.74 2.01
N SER A 80 -11.36 25.67 2.84
CA SER A 80 -10.77 26.90 2.31
C SER A 80 -9.42 26.64 1.64
N LYS A 81 -8.62 25.76 2.23
CA LYS A 81 -7.30 25.44 1.69
C LYS A 81 -7.27 24.13 0.92
N ASN A 82 -8.40 23.43 0.82
CA ASN A 82 -8.50 22.16 0.09
C ASN A 82 -7.51 21.13 0.63
N GLN A 83 -7.53 20.94 1.95
CA GLN A 83 -6.65 19.99 2.62
C GLN A 83 -7.48 19.17 3.61
N PHE A 84 -6.82 18.15 4.17
CA PHE A 84 -7.38 17.41 5.29
C PHE A 84 -6.21 16.99 6.19
N SER A 85 -6.47 16.95 7.49
CA SER A 85 -5.43 16.82 8.50
C SER A 85 -5.48 15.46 9.18
N LEU A 86 -4.40 15.14 9.88
CA LEU A 86 -4.33 13.96 10.73
C LEU A 86 -3.73 14.38 12.06
N GLN A 87 -4.46 14.11 13.15
CA GLN A 87 -4.00 14.43 14.49
C GLN A 87 -4.08 13.18 15.35
N LEU A 88 -3.00 12.87 16.06
CA LEU A 88 -2.90 11.68 16.89
C LEU A 88 -2.35 12.09 18.25
N ASN A 89 -3.19 12.12 19.27
CA ASN A 89 -2.79 12.58 20.59
C ASN A 89 -2.02 11.49 21.33
N SER A 90 -1.18 11.93 22.26
CA SER A 90 -0.45 11.05 23.18
C SER A 90 0.32 9.97 22.43
N VAL A 91 1.28 10.41 21.60
CA VAL A 91 2.03 9.47 20.79
C VAL A 91 3.03 8.72 21.66
N THR A 92 3.41 7.54 21.19
CA THR A 92 4.39 6.66 21.82
C THR A 92 5.41 6.26 20.77
N PRO A 93 6.57 5.74 21.18
CA PRO A 93 7.54 5.24 20.20
C PRO A 93 6.96 4.18 19.27
N GLU A 94 5.88 3.52 19.68
CA GLU A 94 5.21 2.56 18.81
C GLU A 94 4.59 3.24 17.59
N ASP A 95 4.25 4.53 17.70
CA ASP A 95 3.65 5.28 16.61
C ASP A 95 4.67 5.71 15.55
N THR A 96 5.95 5.38 15.72
CA THR A 96 6.95 5.74 14.73
C THR A 96 6.73 4.95 13.45
N ALA A 97 6.42 5.64 12.37
CA ALA A 97 6.09 5.01 11.10
C ALA A 97 6.04 6.07 10.02
N VAL A 98 5.86 5.61 8.78
CA VAL A 98 5.63 6.50 7.64
C VAL A 98 4.13 6.65 7.46
N TYR A 99 3.65 7.89 7.39
CA TYR A 99 2.23 8.19 7.29
C TYR A 99 1.92 8.67 5.88
N TYR A 100 1.03 7.96 5.21
CA TYR A 100 0.58 8.31 3.87
C TYR A 100 -0.83 8.86 3.90
N CYS A 101 -1.09 9.87 3.09
CA CYS A 101 -2.44 10.27 2.75
C CYS A 101 -2.77 9.75 1.36
N ALA A 102 -4.05 9.46 1.12
CA ALA A 102 -4.44 8.85 -0.15
C ALA A 102 -5.88 9.20 -0.46
N ARG A 103 -6.15 9.39 -1.74
CA ARG A 103 -7.52 9.53 -2.22
C ARG A 103 -8.11 8.16 -2.47
N GLU A 104 -9.31 7.94 -1.93
CA GLU A 104 -10.05 6.69 -2.12
C GLU A 104 -11.21 6.98 -3.07
N VAL A 105 -11.09 6.51 -4.31
CA VAL A 105 -12.20 6.60 -5.24
C VAL A 105 -13.29 5.65 -4.76
N THR A 106 -14.45 6.21 -4.39
CA THR A 106 -15.53 5.43 -3.80
C THR A 106 -16.70 5.35 -4.79
N GLY A 107 -16.51 4.55 -5.83
CA GLY A 107 -17.60 4.21 -6.72
C GLY A 107 -18.45 3.11 -6.14
N ASP A 108 -19.44 2.68 -6.92
CA ASP A 108 -20.31 1.59 -6.48
C ASP A 108 -19.57 0.26 -6.52
N LEU A 109 -18.78 0.03 -7.56
CA LEU A 109 -18.01 -1.20 -7.70
C LEU A 109 -16.51 -1.00 -7.54
N GLU A 110 -15.98 0.16 -7.93
CA GLU A 110 -14.57 0.46 -7.76
C GLU A 110 -14.37 1.19 -6.43
N ASP A 111 -13.50 0.64 -5.58
CA ASP A 111 -13.18 1.28 -4.30
C ASP A 111 -11.70 0.99 -4.02
N ALA A 112 -10.84 1.96 -4.32
CA ALA A 112 -9.40 1.75 -4.19
C ALA A 112 -8.73 3.08 -3.87
N PHE A 113 -7.50 2.99 -3.40
CA PHE A 113 -6.64 4.17 -3.18
C PHE A 113 -5.80 4.37 -4.44
N ASP A 114 -6.20 5.32 -5.29
CA ASP A 114 -5.54 5.52 -6.57
C ASP A 114 -4.48 6.63 -6.54
N ILE A 115 -4.65 7.64 -5.70
CA ILE A 115 -3.70 8.75 -5.61
C ILE A 115 -3.12 8.76 -4.20
N TRP A 116 -1.80 8.64 -4.10
CA TRP A 116 -1.12 8.60 -2.82
C TRP A 116 -0.21 9.81 -2.66
N GLY A 117 -0.07 10.25 -1.41
CA GLY A 117 0.94 11.24 -1.09
C GLY A 117 2.33 10.62 -1.05
N GLN A 118 3.34 11.48 -0.93
CA GLN A 118 4.72 11.01 -0.94
C GLN A 118 5.10 10.30 0.35
N GLY A 119 4.43 10.61 1.45
CA GLY A 119 4.76 10.01 2.73
C GLY A 119 5.52 10.96 3.62
N THR A 120 5.37 10.76 4.94
CA THR A 120 6.06 11.57 5.94
C THR A 120 6.48 10.65 7.07
N MET A 121 7.79 10.43 7.21
CA MET A 121 8.30 9.63 8.30
C MET A 121 8.23 10.43 9.59
N VAL A 122 7.60 9.87 10.61
CA VAL A 122 7.46 10.49 11.92
C VAL A 122 8.17 9.62 12.94
N THR A 123 9.10 10.21 13.67
CA THR A 123 9.82 9.53 14.73
C THR A 123 9.40 10.10 16.08
N VAL A 124 9.02 9.23 17.01
CA VAL A 124 8.67 9.62 18.36
C VAL A 124 9.88 9.36 19.23
N SER A 125 10.47 10.44 19.77
CA SER A 125 11.70 10.30 20.56
C SER A 125 11.88 11.53 21.43
N SER A 126 12.59 11.34 22.54
CA SER A 126 12.94 12.44 23.42
C SER A 126 14.08 13.28 22.87
N ALA A 127 14.93 12.69 22.01
CA ALA A 127 16.11 13.38 21.51
C ALA A 127 15.73 14.58 20.66
N SER A 128 16.67 15.51 20.54
CA SER A 128 16.47 16.72 19.75
C SER A 128 16.90 16.48 18.30
N THR A 129 16.33 17.27 17.40
CA THR A 129 16.67 17.18 15.99
C THR A 129 18.08 17.72 15.76
N LYS A 130 18.78 17.10 14.81
CA LYS A 130 20.15 17.49 14.48
C LYS A 130 20.30 17.50 12.96
N GLY A 131 20.71 18.63 12.41
CA GLY A 131 20.93 18.76 11.00
C GLY A 131 22.21 18.09 10.55
N PRO A 132 22.22 17.59 9.31
CA PRO A 132 23.41 16.87 8.82
C PRO A 132 24.50 17.82 8.34
N SER A 133 25.70 17.26 8.22
CA SER A 133 26.84 17.94 7.62
C SER A 133 27.21 17.18 6.35
N VAL A 134 27.22 17.90 5.22
CA VAL A 134 27.42 17.29 3.91
C VAL A 134 28.86 17.52 3.48
N PHE A 135 29.55 16.44 3.15
CA PHE A 135 30.92 16.49 2.67
C PHE A 135 31.01 15.88 1.27
N PRO A 136 31.82 16.44 0.39
CA PRO A 136 31.92 15.89 -0.97
C PRO A 136 32.77 14.65 -1.03
N LEU A 137 32.41 13.76 -1.95
CA LEU A 137 33.22 12.61 -2.34
C LEU A 137 33.74 12.93 -3.73
N ALA A 138 34.87 13.64 -3.78
CA ALA A 138 35.35 14.19 -5.04
C ALA A 138 35.90 13.08 -5.93
N PRO A 139 35.69 13.17 -7.24
CA PRO A 139 36.26 12.18 -8.15
C PRO A 139 37.76 12.37 -8.30
N SER A 140 38.45 11.26 -8.53
CA SER A 140 39.91 11.24 -8.55
C SER A 140 40.36 10.14 -9.50
N SER A 141 41.66 9.89 -9.54
CA SER A 141 42.16 8.74 -10.28
C SER A 141 41.86 7.44 -9.56
N LYS A 142 41.71 7.50 -8.24
CA LYS A 142 41.34 6.32 -7.45
C LYS A 142 39.83 6.06 -7.44
N SER A 143 39.05 6.91 -8.12
CA SER A 143 37.63 6.67 -8.31
C SER A 143 37.26 6.64 -9.79
N THR A 144 38.22 6.34 -10.66
CA THR A 144 38.03 6.32 -12.09
C THR A 144 38.60 5.02 -12.66
N SER A 145 37.79 4.32 -13.45
CA SER A 145 38.21 3.09 -14.11
C SER A 145 37.74 3.16 -15.57
N GLY A 146 38.69 3.25 -16.49
CA GLY A 146 38.33 3.42 -17.89
C GLY A 146 37.82 4.83 -18.12
N GLY A 147 36.68 4.95 -18.79
CA GLY A 147 36.10 6.25 -19.07
C GLY A 147 34.98 6.63 -18.14
N THR A 148 34.93 6.01 -16.97
CA THR A 148 33.87 6.24 -16.00
C THR A 148 34.49 6.72 -14.68
N ALA A 149 33.93 7.80 -14.14
CA ALA A 149 34.36 8.34 -12.86
C ALA A 149 33.22 8.29 -11.85
N ALA A 150 33.56 8.07 -10.59
CA ALA A 150 32.60 8.02 -9.50
C ALA A 150 32.79 9.21 -8.57
N LEU A 151 31.67 9.77 -8.13
CA LEU A 151 31.68 10.90 -7.21
C LEU A 151 30.40 10.83 -6.37
N GLY A 152 30.37 11.63 -5.31
CA GLY A 152 29.20 11.61 -4.46
C GLY A 152 29.29 12.62 -3.33
N CYS A 153 28.35 12.49 -2.39
CA CYS A 153 28.28 13.34 -1.22
C CYS A 153 28.09 12.48 0.02
N LEU A 154 28.76 12.86 1.11
CA LEU A 154 28.64 12.17 2.38
C LEU A 154 27.77 13.02 3.31
N VAL A 155 26.68 12.43 3.79
CA VAL A 155 25.74 13.11 4.68
C VAL A 155 25.86 12.46 6.05
N LYS A 156 26.43 13.20 7.00
CA LYS A 156 26.87 12.63 8.27
C LYS A 156 26.19 13.32 9.45
N ASP A 157 25.83 12.52 10.46
CA ASP A 157 25.39 13.00 11.77
C ASP A 157 24.10 13.83 11.66
N TYR A 158 23.00 13.12 11.46
CA TYR A 158 21.69 13.76 11.49
C TYR A 158 20.71 12.91 12.28
N PHE A 159 19.62 13.56 12.72
CA PHE A 159 18.57 12.90 13.47
C PHE A 159 17.33 13.78 13.44
N PRO A 160 16.13 13.22 13.21
CA PRO A 160 15.96 11.79 12.91
C PRO A 160 16.00 11.53 11.41
N GLU A 161 15.75 10.28 11.03
CA GLU A 161 15.55 9.96 9.63
C GLU A 161 14.31 10.69 9.11
N PRO A 162 14.23 10.92 7.78
CA PRO A 162 15.21 10.57 6.77
C PRO A 162 15.94 11.75 6.15
N VAL A 163 16.89 11.43 5.28
CA VAL A 163 17.56 12.41 4.43
C VAL A 163 17.27 12.03 2.99
N THR A 164 16.80 12.99 2.20
CA THR A 164 16.61 12.80 0.77
C THR A 164 17.71 13.54 0.02
N VAL A 165 18.23 12.89 -1.02
CA VAL A 165 19.31 13.44 -1.83
C VAL A 165 18.91 13.37 -3.29
N SER A 166 19.00 14.50 -3.98
CA SER A 166 18.86 14.56 -5.43
C SER A 166 20.13 15.17 -6.01
N TRP A 167 20.38 14.87 -7.29
CA TRP A 167 21.54 15.38 -7.99
C TRP A 167 21.09 16.33 -9.08
N ASN A 168 21.72 17.52 -9.12
CA ASN A 168 21.42 18.54 -10.11
C ASN A 168 19.92 18.87 -10.14
N SER A 169 19.34 19.01 -8.95
CA SER A 169 17.93 19.38 -8.78
C SER A 169 16.99 18.43 -9.50
N GLY A 170 17.39 17.16 -9.62
CA GLY A 170 16.58 16.14 -10.24
C GLY A 170 16.96 15.81 -11.67
N ALA A 171 17.77 16.64 -12.33
CA ALA A 171 18.12 16.43 -13.72
C ALA A 171 19.08 15.27 -13.93
N LEU A 172 19.75 14.81 -12.88
CA LEU A 172 20.67 13.68 -12.97
C LEU A 172 20.13 12.54 -12.11
N THR A 173 19.63 11.50 -12.77
CA THR A 173 19.12 10.32 -12.09
C THR A 173 19.83 9.04 -12.48
N SER A 174 20.27 8.91 -13.73
CA SER A 174 20.91 7.69 -14.19
C SER A 174 22.23 7.47 -13.46
N GLY A 175 22.44 6.26 -12.98
CA GLY A 175 23.67 5.90 -12.29
C GLY A 175 23.79 6.40 -10.88
N VAL A 176 22.70 6.83 -10.26
CA VAL A 176 22.72 7.37 -8.91
C VAL A 176 22.37 6.26 -7.93
N HIS A 177 23.15 6.15 -6.84
CA HIS A 177 22.87 5.21 -5.75
C HIS A 177 22.91 5.99 -4.44
N THR A 178 21.75 6.12 -3.79
CA THR A 178 21.66 6.70 -2.46
C THR A 178 21.45 5.56 -1.47
N PHE A 179 22.46 5.32 -0.64
CA PHE A 179 22.47 4.16 0.24
C PHE A 179 21.56 4.37 1.45
N PRO A 180 21.02 3.29 2.01
CA PRO A 180 20.25 3.42 3.24
C PRO A 180 21.13 3.91 4.38
N ALA A 181 20.52 4.68 5.28
CA ALA A 181 21.26 5.28 6.38
C ALA A 181 21.81 4.20 7.31
N VAL A 182 23.00 4.45 7.83
CA VAL A 182 23.58 3.61 8.88
C VAL A 182 23.36 4.31 10.21
N LEU A 183 23.20 3.51 11.26
CA LEU A 183 23.06 4.03 12.62
C LEU A 183 24.42 3.98 13.30
N GLN A 184 24.87 5.13 13.80
CA GLN A 184 26.15 5.21 14.48
C GLN A 184 25.96 5.00 15.99
N SER A 185 27.08 4.77 16.67
CA SER A 185 27.03 4.60 18.13
C SER A 185 26.45 5.83 18.80
N SER A 186 26.60 7.00 18.18
CA SER A 186 26.10 8.26 18.69
C SER A 186 24.58 8.32 18.74
N GLY A 187 23.88 7.44 18.03
CA GLY A 187 22.45 7.58 17.82
C GLY A 187 22.10 8.40 16.59
N LEU A 188 23.06 9.10 16.00
CA LEU A 188 22.83 9.84 14.77
C LEU A 188 22.99 8.93 13.57
N TYR A 189 22.43 9.36 12.44
CA TYR A 189 22.46 8.60 11.20
C TYR A 189 23.46 9.19 10.22
N SER A 190 23.80 8.41 9.22
CA SER A 190 24.70 8.84 8.16
C SER A 190 24.42 8.01 6.92
N LEU A 191 24.54 8.66 5.75
CA LEU A 191 24.43 7.95 4.49
C LEU A 191 25.31 8.64 3.45
N SER A 192 25.49 7.96 2.32
CA SER A 192 26.21 8.50 1.18
C SER A 192 25.37 8.30 -0.08
N SER A 193 25.51 9.23 -1.01
CA SER A 193 24.89 9.14 -2.32
C SER A 193 25.96 9.33 -3.37
N VAL A 194 26.05 8.38 -4.31
CA VAL A 194 27.10 8.39 -5.32
C VAL A 194 26.45 8.41 -6.70
N VAL A 195 27.27 8.73 -7.70
CA VAL A 195 26.84 8.74 -9.10
C VAL A 195 28.08 8.53 -9.96
N THR A 196 27.95 7.69 -10.99
CA THR A 196 29.01 7.44 -11.95
C THR A 196 28.76 8.27 -13.21
N VAL A 197 29.76 9.03 -13.62
CA VAL A 197 29.66 9.91 -14.79
C VAL A 197 30.86 9.66 -15.68
N PRO A 198 30.78 10.03 -16.96
CA PRO A 198 31.96 9.91 -17.82
C PRO A 198 33.09 10.80 -17.32
N SER A 199 34.30 10.27 -17.37
CA SER A 199 35.46 11.05 -16.92
C SER A 199 35.80 12.16 -17.90
N SER A 200 35.47 11.99 -19.18
CA SER A 200 35.83 12.96 -20.20
C SER A 200 35.13 14.29 -20.02
N SER A 201 33.99 14.33 -19.34
CA SER A 201 33.20 15.54 -19.18
C SER A 201 33.32 16.14 -17.79
N LEU A 202 34.33 15.74 -17.02
CA LEU A 202 34.51 16.27 -15.67
C LEU A 202 34.86 17.75 -15.67
N GLY A 203 35.44 18.25 -16.77
CA GLY A 203 35.81 19.65 -16.85
C GLY A 203 34.72 20.59 -17.32
N THR A 204 33.62 20.06 -17.86
CA THR A 204 32.54 20.88 -18.39
C THR A 204 31.21 20.71 -17.68
N GLN A 205 30.93 19.53 -17.11
CA GLN A 205 29.68 19.28 -16.42
C GLN A 205 29.80 19.64 -14.95
N THR A 206 28.71 20.16 -14.39
CA THR A 206 28.64 20.52 -12.98
C THR A 206 27.76 19.52 -12.24
N TYR A 207 28.26 18.99 -11.13
CA TYR A 207 27.56 17.99 -10.34
C TYR A 207 27.34 18.54 -8.94
N ILE A 208 26.07 18.77 -8.59
CA ILE A 208 25.69 19.33 -7.31
C ILE A 208 24.73 18.36 -6.63
N CYS A 209 25.04 17.98 -5.39
CA CYS A 209 24.13 17.15 -4.61
C CYS A 209 23.21 18.05 -3.81
N ASN A 210 21.93 17.68 -3.77
CA ASN A 210 20.89 18.44 -3.09
C ASN A 210 20.40 17.62 -1.89
N VAL A 211 20.93 17.93 -0.72
CA VAL A 211 20.61 17.20 0.50
C VAL A 211 19.48 17.90 1.22
N SER A 212 18.43 17.15 1.54
CA SER A 212 17.24 17.68 2.20
C SER A 212 17.01 16.93 3.51
N HIS A 213 16.78 17.68 4.59
CA HIS A 213 16.47 17.12 5.91
C HIS A 213 15.33 17.95 6.49
N LYS A 214 14.10 17.53 6.19
CA LYS A 214 12.93 18.29 6.61
C LYS A 214 12.79 18.47 8.11
N PRO A 215 13.02 17.46 8.96
CA PRO A 215 12.83 17.67 10.42
C PRO A 215 13.72 18.73 11.03
N SER A 216 14.68 19.29 10.28
CA SER A 216 15.53 20.36 10.80
C SER A 216 15.54 21.58 9.87
N ASN A 217 14.64 21.63 8.88
CA ASN A 217 14.59 22.72 7.92
C ASN A 217 15.95 22.95 7.26
N THR A 218 16.56 21.86 6.81
CA THR A 218 17.90 21.89 6.24
C THR A 218 17.81 21.63 4.74
N LYS A 219 18.31 22.56 3.94
CA LYS A 219 18.41 22.41 2.50
C LYS A 219 19.83 22.82 2.10
N VAL A 220 20.63 21.84 1.71
CA VAL A 220 22.04 22.05 1.42
C VAL A 220 22.34 21.55 0.01
N ASP A 221 23.03 22.38 -0.77
CA ASP A 221 23.51 22.02 -2.10
C ASP A 221 25.02 22.19 -2.13
N LYS A 222 25.74 21.09 -2.36
CA LYS A 222 27.19 21.09 -2.37
C LYS A 222 27.70 20.68 -3.74
N LYS A 223 28.57 21.49 -4.33
CA LYS A 223 29.15 21.18 -5.62
C LYS A 223 30.37 20.27 -5.44
N VAL A 224 30.39 19.16 -6.17
CA VAL A 224 31.46 18.17 -6.06
C VAL A 224 32.47 18.46 -7.17
N GLU A 225 33.60 19.04 -6.78
CA GLU A 225 34.62 19.40 -7.76
C GLU A 225 35.68 18.31 -7.85
N PRO A 226 36.17 18.04 -9.06
CA PRO A 226 37.22 17.03 -9.22
C PRO A 226 38.54 17.49 -8.63
N LYS A 227 39.40 16.52 -8.35
CA LYS A 227 40.75 16.76 -7.86
C LYS A 227 41.73 15.89 -8.63
N SER A 228 42.93 16.42 -8.86
CA SER A 228 43.97 15.63 -9.51
C SER A 228 44.57 14.63 -8.53
N CYS A 229 45.17 15.12 -7.46
CA CYS A 229 45.74 14.28 -6.39
C CYS A 229 46.70 13.23 -6.92
N THR B 1 -18.29 -11.59 12.54
CA THR B 1 -17.09 -12.39 12.40
C THR B 1 -15.85 -11.58 12.76
N GLY B 2 -15.95 -10.27 12.64
CA GLY B 2 -14.86 -9.38 12.96
C GLY B 2 -14.26 -8.72 11.73
N ASP B 3 -13.07 -8.18 11.91
CA ASP B 3 -12.36 -7.54 10.81
C ASP B 3 -11.88 -8.58 9.81
N ILE B 4 -11.98 -8.24 8.53
CA ILE B 4 -11.52 -9.14 7.47
C ILE B 4 -10.00 -9.12 7.43
N GLN B 5 -9.39 -10.29 7.53
CA GLN B 5 -7.94 -10.44 7.54
C GLN B 5 -7.48 -10.99 6.20
N MET B 6 -6.45 -10.35 5.63
CA MET B 6 -5.89 -10.75 4.35
C MET B 6 -4.52 -11.39 4.58
N THR B 7 -4.31 -12.56 3.97
CA THR B 7 -3.03 -13.28 4.08
C THR B 7 -2.55 -13.58 2.67
N GLN B 8 -1.34 -13.12 2.35
CA GLN B 8 -0.74 -13.34 1.04
C GLN B 8 0.25 -14.50 1.10
N SER B 9 0.42 -15.17 -0.03
CA SER B 9 1.37 -16.26 -0.16
C SER B 9 1.93 -16.25 -1.57
N PRO B 10 3.25 -16.39 -1.72
CA PRO B 10 4.21 -16.55 -0.62
C PRO B 10 4.56 -15.21 0.02
N SER B 11 5.25 -15.25 1.16
CA SER B 11 5.73 -14.00 1.76
C SER B 11 6.88 -13.41 0.96
N SER B 12 7.63 -14.25 0.24
CA SER B 12 8.72 -13.80 -0.61
C SER B 12 8.96 -14.87 -1.66
N LEU B 13 9.44 -14.43 -2.83
CA LEU B 13 9.75 -15.37 -3.90
C LEU B 13 10.86 -14.77 -4.77
N SER B 14 11.68 -15.65 -5.32
CA SER B 14 12.76 -15.28 -6.22
C SER B 14 12.41 -15.72 -7.63
N ALA B 15 12.75 -14.89 -8.60
CA ALA B 15 12.45 -15.20 -10.00
C ALA B 15 13.41 -14.42 -10.90
N SER B 16 13.57 -14.93 -12.10
CA SER B 16 14.42 -14.30 -13.10
C SER B 16 13.57 -13.49 -14.09
N VAL B 17 14.25 -12.63 -14.84
CA VAL B 17 13.55 -11.80 -15.82
C VAL B 17 12.90 -12.69 -16.87
N GLY B 18 11.62 -12.41 -17.15
CA GLY B 18 10.86 -13.20 -18.10
C GLY B 18 10.04 -14.31 -17.48
N ASP B 19 10.30 -14.65 -16.21
CA ASP B 19 9.58 -15.74 -15.58
C ASP B 19 8.13 -15.37 -15.31
N ARG B 20 7.29 -16.40 -15.18
CA ARG B 20 5.90 -16.26 -14.77
C ARG B 20 5.84 -16.34 -13.25
N VAL B 21 5.19 -15.35 -12.63
CA VAL B 21 5.04 -15.34 -11.17
C VAL B 21 3.58 -15.03 -10.83
N THR B 22 3.13 -15.64 -9.73
CA THR B 22 1.75 -15.49 -9.26
C THR B 22 1.76 -15.28 -7.75
N ILE B 23 0.93 -14.36 -7.29
CA ILE B 23 0.77 -14.06 -5.88
C ILE B 23 -0.67 -14.32 -5.48
N THR B 24 -0.87 -15.11 -4.44
CA THR B 24 -2.20 -15.46 -3.95
C THR B 24 -2.55 -14.62 -2.73
N CYS B 25 -3.81 -14.23 -2.63
CA CYS B 25 -4.32 -13.48 -1.49
C CYS B 25 -5.65 -14.09 -1.08
N ARG B 26 -5.79 -14.41 0.20
CA ARG B 26 -7.02 -15.00 0.72
C ARG B 26 -7.60 -14.11 1.81
N ALA B 27 -8.91 -13.89 1.75
CA ALA B 27 -9.63 -13.12 2.75
C ALA B 27 -10.33 -14.07 3.71
N SER B 28 -10.34 -13.71 5.00
CA SER B 28 -10.99 -14.54 6.00
C SER B 28 -12.49 -14.59 5.80
N GLN B 29 -13.09 -13.50 5.33
CA GLN B 29 -14.50 -13.46 4.98
C GLN B 29 -14.63 -13.04 3.52
N THR B 30 -15.79 -13.34 2.93
CA THR B 30 -15.99 -13.05 1.52
C THR B 30 -16.04 -11.54 1.29
N ILE B 31 -15.36 -11.10 0.24
CA ILE B 31 -15.32 -9.69 -0.14
C ILE B 31 -15.81 -9.47 -1.56
N TRP B 32 -16.33 -10.52 -2.21
CA TRP B 32 -16.83 -10.47 -3.59
C TRP B 32 -15.68 -10.02 -4.49
N SER B 33 -15.80 -8.89 -5.19
CA SER B 33 -14.72 -8.39 -6.04
C SER B 33 -14.18 -7.05 -5.54
N TYR B 34 -14.30 -6.79 -4.24
CA TYR B 34 -13.78 -5.57 -3.65
C TYR B 34 -12.35 -5.77 -3.16
N LEU B 35 -11.47 -6.12 -4.11
CA LEU B 35 -10.06 -6.36 -3.82
C LEU B 35 -9.20 -5.50 -4.74
N ASN B 36 -8.08 -5.03 -4.20
CA ASN B 36 -7.14 -4.20 -4.95
C ASN B 36 -5.73 -4.77 -4.79
N TRP B 37 -4.92 -4.57 -5.82
CA TRP B 37 -3.52 -4.96 -5.81
C TRP B 37 -2.65 -3.72 -5.96
N TYR B 38 -1.63 -3.60 -5.12
CA TYR B 38 -0.72 -2.47 -5.15
C TYR B 38 0.71 -2.95 -5.34
N GLN B 39 1.53 -2.07 -5.92
CA GLN B 39 2.97 -2.27 -6.04
C GLN B 39 3.68 -1.14 -5.32
N GLN B 40 4.62 -1.50 -4.44
CA GLN B 40 5.43 -0.51 -3.73
C GLN B 40 6.89 -0.71 -4.11
N ARG B 41 7.38 0.14 -5.01
CA ARG B 41 8.79 0.14 -5.35
C ARG B 41 9.59 0.75 -4.20
N PRO B 42 10.89 0.45 -4.12
CA PRO B 42 11.69 0.94 -3.00
C PRO B 42 11.68 2.46 -2.90
N GLY B 43 11.43 2.97 -1.69
CA GLY B 43 11.41 4.39 -1.44
C GLY B 43 10.20 5.13 -1.96
N LYS B 44 9.17 4.42 -2.41
CA LYS B 44 8.01 5.04 -3.03
C LYS B 44 6.74 4.64 -2.29
N ALA B 45 5.68 5.42 -2.52
CA ALA B 45 4.37 5.08 -2.01
C ALA B 45 3.81 3.90 -2.78
N PRO B 46 2.86 3.16 -2.20
CA PRO B 46 2.17 2.11 -2.95
C PRO B 46 1.50 2.68 -4.19
N ASN B 47 1.51 1.90 -5.27
CA ASN B 47 0.92 2.29 -6.54
C ASN B 47 -0.20 1.33 -6.89
N LEU B 48 -1.36 1.88 -7.24
CA LEU B 48 -2.52 1.05 -7.57
C LEU B 48 -2.26 0.31 -8.87
N LEU B 49 -2.22 -1.02 -8.80
CA LEU B 49 -2.01 -1.87 -9.97
C LEU B 49 -3.32 -2.34 -10.57
N ILE B 50 -4.18 -2.94 -9.74
CA ILE B 50 -5.43 -3.56 -10.19
C ILE B 50 -6.49 -3.29 -9.15
N TYR B 51 -7.66 -2.85 -9.62
CA TYR B 51 -8.82 -2.63 -8.76
C TYR B 51 -9.95 -3.53 -9.22
N ALA B 52 -10.88 -3.79 -8.29
CA ALA B 52 -12.01 -4.67 -8.54
C ALA B 52 -11.56 -6.04 -9.05
N ALA B 53 -10.51 -6.57 -8.42
CA ALA B 53 -10.01 -7.92 -8.64
C ALA B 53 -9.36 -8.14 -10.00
N SER B 54 -9.92 -7.58 -11.07
CA SER B 54 -9.48 -7.94 -12.42
C SER B 54 -9.26 -6.78 -13.37
N SER B 55 -9.52 -5.54 -12.96
CA SER B 55 -9.44 -4.40 -13.85
C SER B 55 -8.10 -3.67 -13.68
N LEU B 56 -7.40 -3.48 -14.80
CA LEU B 56 -6.09 -2.83 -14.78
C LEU B 56 -6.24 -1.33 -14.63
N GLN B 57 -5.47 -0.75 -13.71
CA GLN B 57 -5.42 0.70 -13.56
C GLN B 57 -4.71 1.32 -14.76
N SER B 58 -5.08 2.57 -15.07
CA SER B 58 -4.46 3.30 -16.16
C SER B 58 -2.95 3.33 -16.01
N GLY B 59 -2.24 3.08 -17.10
CA GLY B 59 -0.80 3.14 -17.14
C GLY B 59 -0.07 1.88 -16.73
N VAL B 60 -0.76 0.94 -16.09
CA VAL B 60 -0.11 -0.30 -15.65
C VAL B 60 0.14 -1.19 -16.86
N PRO B 61 1.33 -1.77 -17.00
CA PRO B 61 1.61 -2.63 -18.15
C PRO B 61 0.66 -3.83 -18.22
N SER B 62 0.56 -4.39 -19.42
CA SER B 62 -0.37 -5.49 -19.68
C SER B 62 0.11 -6.82 -19.09
N ARG B 63 1.36 -6.92 -18.66
CA ARG B 63 1.84 -8.16 -18.07
C ARG B 63 1.24 -8.44 -16.69
N PHE B 64 0.64 -7.43 -16.06
CA PHE B 64 -0.05 -7.62 -14.79
C PHE B 64 -1.50 -8.00 -15.04
N SER B 65 -1.98 -8.98 -14.29
CA SER B 65 -3.37 -9.42 -14.42
C SER B 65 -3.88 -9.90 -13.07
N GLY B 66 -5.18 -9.74 -12.85
CA GLY B 66 -5.81 -10.17 -11.62
C GLY B 66 -6.95 -11.14 -11.88
N ARG B 67 -7.29 -11.96 -10.87
CA ARG B 67 -8.33 -12.95 -11.04
C ARG B 67 -8.89 -13.32 -9.67
N GLY B 68 -10.15 -13.72 -9.66
CA GLY B 68 -10.78 -14.26 -8.46
C GLY B 68 -11.92 -13.38 -7.97
N SER B 69 -12.67 -13.95 -7.03
CA SER B 69 -13.76 -13.27 -6.35
C SER B 69 -14.16 -14.10 -5.15
N GLY B 70 -14.76 -13.45 -4.16
CA GLY B 70 -15.15 -14.12 -2.94
C GLY B 70 -14.08 -14.09 -1.87
N THR B 71 -13.24 -15.12 -1.83
CA THR B 71 -12.19 -15.22 -0.82
C THR B 71 -10.80 -15.48 -1.36
N ASP B 72 -10.65 -15.94 -2.60
CA ASP B 72 -9.34 -16.29 -3.14
C ASP B 72 -9.08 -15.52 -4.42
N PHE B 73 -7.92 -14.87 -4.48
CA PHE B 73 -7.55 -13.98 -5.59
C PHE B 73 -6.12 -14.29 -6.02
N THR B 74 -5.77 -13.84 -7.21
CA THR B 74 -4.46 -14.12 -7.78
C THR B 74 -3.98 -12.93 -8.61
N LEU B 75 -2.77 -12.47 -8.31
CA LEU B 75 -2.08 -11.46 -9.11
C LEU B 75 -0.99 -12.15 -9.91
N THR B 76 -0.95 -11.88 -11.21
CA THR B 76 -0.05 -12.59 -12.12
C THR B 76 0.80 -11.59 -12.90
N ILE B 77 2.10 -11.85 -12.96
CA ILE B 77 3.01 -11.17 -13.86
C ILE B 77 3.49 -12.22 -14.87
N SER B 78 3.03 -12.09 -16.11
CA SER B 78 3.27 -13.13 -17.10
C SER B 78 4.75 -13.22 -17.47
N SER B 79 5.38 -12.08 -17.74
CA SER B 79 6.81 -12.03 -18.06
C SER B 79 7.44 -10.98 -17.15
N LEU B 80 8.14 -11.44 -16.12
CA LEU B 80 8.71 -10.55 -15.12
C LEU B 80 9.80 -9.68 -15.73
N GLN B 81 9.81 -8.40 -15.36
CA GLN B 81 10.82 -7.45 -15.78
C GLN B 81 11.58 -6.94 -14.57
N ALA B 82 12.75 -6.35 -14.83
CA ALA B 82 13.59 -5.85 -13.74
C ALA B 82 12.93 -4.70 -12.99
N GLU B 83 12.07 -3.93 -13.68
CA GLU B 83 11.37 -2.83 -13.02
C GLU B 83 10.37 -3.33 -11.99
N ASP B 84 9.96 -4.59 -12.05
CA ASP B 84 8.94 -5.12 -11.16
C ASP B 84 9.48 -5.50 -9.78
N PHE B 85 10.76 -5.25 -9.51
CA PHE B 85 11.31 -5.47 -8.18
C PHE B 85 10.60 -4.57 -7.18
N ALA B 86 9.80 -5.17 -6.30
CA ALA B 86 9.00 -4.41 -5.34
C ALA B 86 8.30 -5.35 -4.36
N THR B 87 7.54 -4.76 -3.43
CA THR B 87 6.65 -5.51 -2.57
C THR B 87 5.22 -5.29 -3.05
N TYR B 88 4.44 -6.36 -3.12
CA TYR B 88 3.08 -6.32 -3.63
C TYR B 88 2.10 -6.62 -2.51
N TYR B 89 1.04 -5.82 -2.44
CA TYR B 89 0.04 -5.93 -1.39
C TYR B 89 -1.35 -6.10 -2.00
N CYS B 90 -2.18 -6.91 -1.34
CA CYS B 90 -3.61 -6.97 -1.64
C CYS B 90 -4.36 -6.23 -0.53
N GLN B 91 -5.53 -5.71 -0.87
CA GLN B 91 -6.32 -4.92 0.06
C GLN B 91 -7.79 -5.07 -0.28
N GLN B 92 -8.61 -5.25 0.75
CA GLN B 92 -10.06 -5.37 0.59
C GLN B 92 -10.73 -4.05 0.91
N SER B 93 -11.74 -3.70 0.11
CA SER B 93 -12.50 -2.47 0.31
C SER B 93 -13.98 -2.75 0.55
N TYR B 94 -14.32 -4.01 0.83
CA TYR B 94 -15.73 -4.36 1.00
C TYR B 94 -16.25 -3.90 2.35
N SER B 95 -15.44 -4.00 3.40
CA SER B 95 -15.89 -3.72 4.76
C SER B 95 -14.87 -2.84 5.49
N ILE B 96 -15.39 -1.95 6.33
CA ILE B 96 -14.57 -1.12 7.21
C ILE B 96 -14.33 -1.92 8.49
N PRO B 97 -13.09 -1.97 9.01
CA PRO B 97 -11.87 -1.34 8.49
C PRO B 97 -11.28 -2.06 7.28
N GLN B 98 -10.81 -1.28 6.31
CA GLN B 98 -10.11 -1.86 5.17
C GLN B 98 -8.73 -2.36 5.61
N THR B 99 -8.38 -3.56 5.15
CA THR B 99 -7.18 -4.23 5.61
C THR B 99 -6.33 -4.64 4.42
N PHE B 100 -5.02 -4.64 4.64
CA PHE B 100 -4.03 -5.05 3.65
C PHE B 100 -3.46 -6.40 4.00
N GLY B 101 -2.91 -7.08 2.99
CA GLY B 101 -2.10 -8.26 3.24
C GLY B 101 -0.73 -7.88 3.78
N GLN B 102 0.01 -8.89 4.23
CA GLN B 102 1.33 -8.65 4.79
C GLN B 102 2.38 -8.34 3.74
N GLY B 103 2.06 -8.50 2.46
CA GLY B 103 2.98 -8.17 1.39
C GLY B 103 3.75 -9.37 0.89
N THR B 104 4.25 -9.25 -0.34
CA THR B 104 5.07 -10.27 -0.97
C THR B 104 6.30 -9.58 -1.55
N LYS B 105 7.47 -9.87 -0.99
CA LYS B 105 8.72 -9.32 -1.51
C LYS B 105 9.17 -10.12 -2.71
N LEU B 106 9.45 -9.43 -3.81
CA LEU B 106 9.84 -10.06 -5.07
C LEU B 106 11.28 -9.67 -5.38
N GLU B 107 12.16 -10.67 -5.37
CA GLU B 107 13.58 -10.47 -5.64
C GLU B 107 13.95 -11.10 -6.98
N ILE B 108 14.89 -10.47 -7.68
CA ILE B 108 15.22 -10.81 -9.06
C ILE B 108 16.54 -11.56 -9.09
N LYS B 109 16.51 -12.81 -9.54
CA LYS B 109 17.73 -13.54 -9.83
C LYS B 109 18.29 -13.11 -11.17
N ARG B 110 19.62 -13.05 -11.27
CA ARG B 110 20.28 -12.68 -12.50
C ARG B 110 21.69 -13.26 -12.50
N THR B 111 22.43 -12.99 -13.56
CA THR B 111 23.76 -13.55 -13.72
C THR B 111 24.75 -12.88 -12.77
N VAL B 112 25.92 -13.52 -12.62
CA VAL B 112 26.97 -12.97 -11.76
C VAL B 112 27.52 -11.69 -12.37
N ALA B 113 27.75 -10.69 -11.53
CA ALA B 113 28.33 -9.43 -11.94
C ALA B 113 29.37 -9.00 -10.91
N ALA B 114 30.59 -8.74 -11.39
CA ALA B 114 31.67 -8.36 -10.50
C ALA B 114 31.57 -6.89 -10.12
N PRO B 115 31.95 -6.54 -8.90
CA PRO B 115 31.86 -5.13 -8.46
C PRO B 115 33.00 -4.29 -8.98
N SER B 116 32.71 -3.01 -9.19
CA SER B 116 33.71 -1.99 -9.46
C SER B 116 34.01 -1.28 -8.15
N VAL B 117 35.27 -1.29 -7.73
CA VAL B 117 35.66 -0.80 -6.40
C VAL B 117 36.32 0.57 -6.55
N PHE B 118 35.82 1.54 -5.80
CA PHE B 118 36.38 2.88 -5.76
C PHE B 118 36.59 3.28 -4.30
N ILE B 119 37.52 4.19 -4.07
CA ILE B 119 37.85 4.66 -2.73
C ILE B 119 37.94 6.18 -2.73
N PHE B 120 37.51 6.80 -1.64
CA PHE B 120 37.46 8.25 -1.53
C PHE B 120 38.18 8.67 -0.24
N PRO B 121 39.25 9.45 -0.33
CA PRO B 121 39.87 9.99 0.88
C PRO B 121 38.94 10.98 1.57
N PRO B 122 39.18 11.28 2.84
CA PRO B 122 38.36 12.29 3.51
C PRO B 122 38.55 13.66 2.88
N SER B 123 37.48 14.44 2.86
CA SER B 123 37.56 15.79 2.33
C SER B 123 38.30 16.70 3.31
N ASP B 124 38.93 17.74 2.76
CA ASP B 124 39.62 18.71 3.61
C ASP B 124 38.66 19.44 4.52
N GLU B 125 37.40 19.60 4.09
CA GLU B 125 36.41 20.26 4.93
C GLU B 125 36.10 19.45 6.17
N GLN B 126 35.99 18.12 6.03
CA GLN B 126 35.72 17.28 7.19
C GLN B 126 36.93 17.20 8.12
N LEU B 127 38.13 17.28 7.56
CA LEU B 127 39.33 17.23 8.40
C LEU B 127 39.42 18.43 9.33
N LYS B 128 38.83 19.56 8.94
CA LYS B 128 38.80 20.71 9.83
C LYS B 128 37.95 20.44 11.07
N SER B 129 36.87 19.66 10.92
CA SER B 129 35.99 19.39 12.05
C SER B 129 36.69 18.57 13.12
N GLY B 130 37.46 17.56 12.72
CA GLY B 130 38.20 16.77 13.67
C GLY B 130 38.15 15.27 13.44
N THR B 131 37.38 14.84 12.44
CA THR B 131 37.26 13.42 12.12
C THR B 131 37.44 13.21 10.63
N ALA B 132 37.79 11.98 10.26
CA ALA B 132 38.09 11.62 8.88
C ALA B 132 37.29 10.38 8.51
N SER B 133 36.53 10.47 7.43
CA SER B 133 35.73 9.36 6.92
C SER B 133 36.31 8.91 5.58
N VAL B 134 36.74 7.66 5.51
CA VAL B 134 37.22 7.06 4.28
C VAL B 134 36.11 6.15 3.74
N VAL B 135 35.67 6.44 2.52
CA VAL B 135 34.54 5.75 1.91
C VAL B 135 35.05 4.87 0.78
N CYS B 136 34.64 3.60 0.80
CA CYS B 136 34.93 2.65 -0.25
C CYS B 136 33.62 2.23 -0.91
N LEU B 137 33.60 2.20 -2.24
CA LEU B 137 32.37 1.99 -3.01
C LEU B 137 32.47 0.70 -3.80
N LEU B 138 31.48 -0.17 -3.64
CA LEU B 138 31.29 -1.36 -4.46
C LEU B 138 30.05 -1.13 -5.32
N ASN B 139 30.23 -1.15 -6.64
CA ASN B 139 29.19 -0.69 -7.55
C ASN B 139 28.74 -1.82 -8.47
N ASN B 140 27.43 -2.01 -8.56
CA ASN B 140 26.78 -2.87 -9.56
C ASN B 140 27.37 -4.27 -9.56
N PHE B 141 27.10 -4.99 -8.48
CA PHE B 141 27.55 -6.38 -8.36
C PHE B 141 26.35 -7.28 -8.06
N TYR B 142 26.54 -8.57 -8.35
CA TYR B 142 25.57 -9.61 -8.05
C TYR B 142 26.32 -10.92 -7.97
N PRO B 143 26.03 -11.79 -6.98
CA PRO B 143 24.99 -11.62 -5.97
C PRO B 143 25.35 -10.68 -4.81
N ARG B 144 24.55 -10.75 -3.75
CA ARG B 144 24.65 -9.82 -2.63
C ARG B 144 25.89 -10.06 -1.79
N GLU B 145 26.44 -11.27 -1.80
CA GLU B 145 27.52 -11.65 -0.88
C GLU B 145 28.82 -10.97 -1.28
N ALA B 146 29.29 -10.04 -0.44
CA ALA B 146 30.52 -9.32 -0.71
C ALA B 146 31.20 -9.00 0.62
N LYS B 147 32.50 -9.29 0.72
CA LYS B 147 33.27 -9.05 1.92
C LYS B 147 34.16 -7.82 1.74
N VAL B 148 34.08 -6.89 2.70
CA VAL B 148 34.88 -5.67 2.69
C VAL B 148 35.83 -5.72 3.88
N GLN B 149 37.11 -5.48 3.62
CA GLN B 149 38.13 -5.46 4.66
C GLN B 149 38.95 -4.19 4.53
N TRP B 150 39.08 -3.46 5.64
CA TRP B 150 39.89 -2.25 5.67
C TRP B 150 41.29 -2.58 6.16
N LYS B 151 42.29 -2.03 5.47
CA LYS B 151 43.69 -2.25 5.80
C LYS B 151 44.40 -0.90 5.80
N VAL B 152 44.84 -0.47 6.98
CA VAL B 152 45.60 0.76 7.14
C VAL B 152 47.04 0.38 7.41
N ASP B 153 47.94 0.80 6.51
CA ASP B 153 49.35 0.40 6.57
C ASP B 153 49.49 -1.12 6.63
N ASN B 154 48.69 -1.81 5.81
CA ASN B 154 48.64 -3.26 5.68
C ASN B 154 48.11 -3.95 6.94
N ALA B 155 47.65 -3.21 7.93
CA ALA B 155 47.09 -3.78 9.15
C ALA B 155 45.58 -3.83 9.03
N LEU B 156 45.02 -5.03 9.16
CA LEU B 156 43.58 -5.21 9.03
C LEU B 156 42.85 -4.48 10.16
N GLN B 157 41.83 -3.71 9.79
CA GLN B 157 41.06 -2.93 10.75
C GLN B 157 39.91 -3.75 11.32
N SER B 158 39.33 -3.24 12.41
CA SER B 158 38.21 -3.91 13.06
C SER B 158 37.50 -2.92 13.98
N GLY B 159 36.18 -2.83 13.85
CA GLY B 159 35.36 -2.06 14.76
C GLY B 159 35.29 -0.57 14.48
N ASN B 160 35.75 -0.10 13.32
CA ASN B 160 35.71 1.32 13.01
C ASN B 160 35.09 1.59 11.64
N SER B 161 34.31 0.65 11.12
CA SER B 161 33.69 0.82 9.82
C SER B 161 32.22 0.43 9.89
N GLN B 162 31.45 0.91 8.91
CA GLN B 162 30.03 0.61 8.81
C GLN B 162 29.66 0.42 7.34
N GLU B 163 28.91 -0.63 7.06
CA GLU B 163 28.49 -0.99 5.71
C GLU B 163 27.02 -0.67 5.51
N SER B 164 26.61 -0.58 4.24
CA SER B 164 25.20 -0.44 3.90
C SER B 164 25.02 -0.75 2.42
N VAL B 165 24.13 -1.68 2.11
CA VAL B 165 23.88 -2.12 0.74
C VAL B 165 22.56 -1.54 0.27
N THR B 166 22.46 -1.30 -1.04
CA THR B 166 21.22 -0.84 -1.62
C THR B 166 20.28 -2.01 -1.89
N GLU B 167 19.04 -1.69 -2.26
CA GLU B 167 18.14 -2.68 -2.81
C GLU B 167 18.55 -2.99 -4.25
N GLN B 168 17.93 -4.02 -4.82
CA GLN B 168 18.23 -4.40 -6.19
C GLN B 168 17.86 -3.26 -7.14
N ASP B 169 18.76 -2.98 -8.08
CA ASP B 169 18.59 -1.84 -8.96
C ASP B 169 17.42 -2.06 -9.93
N SER B 170 16.76 -0.96 -10.27
CA SER B 170 15.54 -1.03 -11.09
C SER B 170 15.80 -1.47 -12.52
N LYS B 171 17.06 -1.43 -12.98
CA LYS B 171 17.37 -1.67 -14.38
C LYS B 171 18.20 -2.93 -14.60
N ASP B 172 19.27 -3.14 -13.83
CA ASP B 172 20.15 -4.29 -14.02
C ASP B 172 20.12 -5.26 -12.85
N SER B 173 19.25 -5.04 -11.87
CA SER B 173 19.02 -5.99 -10.77
C SER B 173 20.27 -6.21 -9.91
N THR B 174 21.16 -5.22 -9.84
CA THR B 174 22.41 -5.36 -9.11
C THR B 174 22.32 -4.70 -7.74
N TYR B 175 23.34 -4.94 -6.93
CA TYR B 175 23.51 -4.32 -5.62
C TYR B 175 24.69 -3.37 -5.65
N SER B 176 24.65 -2.38 -4.76
CA SER B 176 25.77 -1.48 -4.53
C SER B 176 26.00 -1.36 -3.03
N LEU B 177 27.27 -1.32 -2.63
CA LEU B 177 27.64 -1.32 -1.23
C LEU B 177 28.55 -0.12 -0.93
N SER B 178 28.33 0.49 0.23
CA SER B 178 29.10 1.63 0.70
C SER B 178 29.69 1.29 2.07
N SER B 179 31.01 1.27 2.15
CA SER B 179 31.73 1.01 3.38
C SER B 179 32.47 2.27 3.81
N THR B 180 32.24 2.71 5.05
CA THR B 180 32.81 3.95 5.56
C THR B 180 33.69 3.65 6.76
N LEU B 181 34.99 3.89 6.60
CA LEU B 181 35.93 3.82 7.71
C LEU B 181 36.02 5.20 8.36
N THR B 182 35.62 5.29 9.63
CA THR B 182 35.60 6.55 10.36
C THR B 182 36.74 6.56 11.37
N LEU B 183 37.64 7.53 11.23
CA LEU B 183 38.75 7.72 12.15
C LEU B 183 38.75 9.16 12.64
N SER B 184 39.47 9.40 13.73
CA SER B 184 39.73 10.76 14.17
C SER B 184 40.78 11.39 13.26
N LYS B 185 40.81 12.72 13.26
CA LYS B 185 41.83 13.43 12.48
C LYS B 185 43.23 13.05 12.93
N ALA B 186 43.43 12.92 14.25
CA ALA B 186 44.74 12.54 14.77
C ALA B 186 45.12 11.14 14.34
N ASP B 187 44.19 10.19 14.47
CA ASP B 187 44.48 8.82 14.03
C ASP B 187 44.66 8.75 12.52
N TYR B 188 44.01 9.64 11.77
CA TYR B 188 44.12 9.59 10.31
C TYR B 188 45.49 10.03 9.85
N GLU B 189 46.02 11.12 10.42
CA GLU B 189 47.27 11.67 9.93
C GLU B 189 48.48 10.85 10.36
N LYS B 190 48.32 9.96 11.34
CA LYS B 190 49.45 9.15 11.82
C LYS B 190 49.74 7.95 10.94
N HIS B 191 48.99 7.75 9.86
CA HIS B 191 49.19 6.63 8.94
C HIS B 191 49.19 7.16 7.50
N LYS B 192 49.67 6.31 6.58
CA LYS B 192 49.83 6.72 5.19
C LYS B 192 48.97 5.91 4.22
N VAL B 193 49.07 4.59 4.24
CA VAL B 193 48.39 3.75 3.27
C VAL B 193 47.01 3.37 3.79
N TYR B 194 45.98 3.71 3.02
CA TYR B 194 44.59 3.38 3.34
C TYR B 194 44.03 2.53 2.20
N ALA B 195 43.75 1.27 2.48
CA ALA B 195 43.37 0.31 1.44
C ALA B 195 41.99 -0.27 1.72
N CYS B 196 41.34 -0.71 0.64
CA CYS B 196 40.02 -1.33 0.70
C CYS B 196 40.07 -2.61 -0.13
N GLU B 197 40.12 -3.76 0.53
CA GLU B 197 40.20 -5.04 -0.14
C GLU B 197 38.80 -5.64 -0.29
N VAL B 198 38.48 -6.09 -1.50
CA VAL B 198 37.15 -6.59 -1.82
C VAL B 198 37.30 -7.99 -2.43
N THR B 199 36.58 -8.95 -1.86
CA THR B 199 36.50 -10.29 -2.43
C THR B 199 35.04 -10.58 -2.77
N HIS B 200 34.80 -11.04 -3.99
CA HIS B 200 33.46 -11.30 -4.48
C HIS B 200 33.53 -12.49 -5.42
N GLN B 201 32.37 -13.14 -5.61
CA GLN B 201 32.32 -14.34 -6.46
C GLN B 201 32.69 -14.02 -7.90
N GLY B 202 32.30 -12.83 -8.37
CA GLY B 202 32.64 -12.41 -9.73
C GLY B 202 34.08 -12.03 -9.95
N LEU B 203 34.91 -12.07 -8.91
CA LEU B 203 36.32 -11.72 -9.00
C LEU B 203 37.16 -12.99 -8.94
N SER B 204 38.16 -13.07 -9.82
CA SER B 204 39.08 -14.21 -9.77
C SER B 204 39.93 -14.19 -8.51
N SER B 205 40.33 -13.00 -8.07
CA SER B 205 41.12 -12.80 -6.86
C SER B 205 40.65 -11.52 -6.20
N PRO B 206 40.87 -11.38 -4.90
CA PRO B 206 40.46 -10.14 -4.21
C PRO B 206 41.10 -8.91 -4.81
N VAL B 207 40.31 -7.84 -4.91
CA VAL B 207 40.74 -6.58 -5.50
C VAL B 207 40.94 -5.56 -4.40
N THR B 208 42.08 -4.88 -4.40
CA THR B 208 42.42 -3.89 -3.40
C THR B 208 42.49 -2.52 -4.04
N LYS B 209 41.78 -1.55 -3.46
CA LYS B 209 41.82 -0.16 -3.86
C LYS B 209 42.41 0.64 -2.71
N SER B 210 43.52 1.33 -2.95
CA SER B 210 44.23 2.02 -1.89
C SER B 210 44.64 3.41 -2.37
N PHE B 211 45.12 4.21 -1.43
CA PHE B 211 45.65 5.53 -1.73
C PHE B 211 46.62 5.93 -0.62
N ASN B 212 47.45 6.91 -0.92
CA ASN B 212 48.37 7.48 0.06
C ASN B 212 47.83 8.80 0.58
N ARG B 213 47.96 9.01 1.89
CA ARG B 213 47.37 10.19 2.51
C ARG B 213 47.96 11.49 1.95
N GLY B 214 49.23 11.45 1.53
CA GLY B 214 49.87 12.63 0.99
C GLY B 214 49.41 12.99 -0.42
N GLU B 215 49.44 12.02 -1.32
CA GLU B 215 49.08 12.25 -2.72
C GLU B 215 47.62 12.67 -2.86
N ASP C 5 -41.75 -46.38 -15.77
CA ASP C 5 -40.88 -45.21 -15.77
C ASP C 5 -41.68 -43.96 -15.42
N VAL C 6 -41.34 -43.32 -14.30
CA VAL C 6 -42.11 -42.20 -13.77
C VAL C 6 -41.13 -41.12 -13.33
N ARG C 7 -41.29 -39.91 -13.88
CA ARG C 7 -40.51 -38.77 -13.43
C ARG C 7 -41.10 -37.49 -14.01
N VAL C 8 -40.52 -36.37 -13.59
CA VAL C 8 -41.04 -35.05 -13.85
C VAL C 8 -39.92 -34.18 -14.43
N ARG C 9 -40.26 -33.37 -15.41
CA ARG C 9 -39.34 -32.40 -15.99
C ARG C 9 -39.93 -31.00 -15.82
N LYS C 10 -39.16 -30.01 -16.28
CA LYS C 10 -39.65 -28.65 -16.36
C LYS C 10 -39.69 -28.22 -17.83
N ILE C 11 -40.71 -28.76 -18.51
CA ILE C 11 -41.16 -28.18 -19.77
C ILE C 11 -41.80 -26.82 -19.49
N LYS C 12 -41.71 -25.90 -20.49
CA LYS C 12 -42.32 -24.57 -20.65
C LYS C 12 -41.41 -23.39 -20.33
N PRO C 13 -40.66 -23.37 -19.22
CA PRO C 13 -39.56 -22.41 -19.13
C PRO C 13 -38.22 -23.05 -19.45
N LEU C 14 -37.37 -22.38 -20.23
CA LEU C 14 -36.04 -22.88 -20.55
C LEU C 14 -35.34 -23.29 -19.26
N SER C 15 -34.85 -22.29 -18.55
CA SER C 15 -34.76 -22.34 -17.10
C SER C 15 -34.99 -20.93 -16.57
N GLU C 16 -34.18 -20.50 -15.62
CA GLU C 16 -34.23 -19.14 -15.08
C GLU C 16 -35.62 -18.85 -14.48
N ILE C 17 -35.91 -19.54 -13.39
CA ILE C 17 -37.22 -19.46 -12.77
C ILE C 17 -37.26 -18.19 -11.92
N HIS C 18 -37.86 -17.13 -12.48
CA HIS C 18 -37.94 -15.84 -11.84
C HIS C 18 -39.39 -15.48 -11.55
N SER C 19 -39.60 -14.69 -10.50
CA SER C 19 -40.93 -14.51 -9.91
C SER C 19 -41.93 -13.91 -10.89
N GLY C 20 -41.49 -13.22 -11.92
CA GLY C 20 -42.44 -12.68 -12.88
C GLY C 20 -42.96 -13.70 -13.88
N ASN C 21 -42.24 -14.81 -14.05
CA ASN C 21 -42.51 -15.73 -15.15
C ASN C 21 -43.73 -16.59 -14.86
N SER C 22 -44.37 -17.06 -15.95
CA SER C 22 -45.43 -18.06 -15.87
C SER C 22 -44.77 -19.44 -15.99
N VAL C 23 -44.68 -20.15 -14.87
CA VAL C 23 -43.88 -21.37 -14.79
C VAL C 23 -44.76 -22.59 -15.06
N SER C 24 -44.12 -23.71 -15.36
CA SER C 24 -44.86 -24.94 -15.58
C SER C 24 -43.92 -26.16 -15.47
N LEU C 25 -44.50 -27.32 -15.79
CA LEU C 25 -43.93 -28.66 -15.77
C LEU C 25 -45.09 -29.64 -15.94
N GLN C 26 -44.80 -30.81 -16.51
CA GLN C 26 -45.81 -31.85 -16.71
C GLN C 26 -45.21 -33.17 -16.29
N CYS C 27 -46.10 -34.11 -15.96
CA CYS C 27 -45.72 -35.44 -15.49
C CYS C 27 -45.85 -36.45 -16.62
N ASP C 28 -44.87 -37.34 -16.71
CA ASP C 28 -44.85 -38.37 -17.75
C ASP C 28 -44.65 -39.76 -17.12
N VAL C 37 -55.35 -43.36 -18.05
CA VAL C 37 -54.40 -42.64 -17.20
C VAL C 37 -55.15 -41.67 -16.28
N GLN C 38 -54.56 -41.41 -15.11
CA GLN C 38 -55.15 -40.51 -14.12
C GLN C 38 -54.02 -39.75 -13.44
N PHE C 39 -54.01 -38.43 -13.60
CA PHE C 39 -52.90 -37.61 -13.15
C PHE C 39 -53.16 -37.07 -11.76
N PHE C 40 -52.07 -36.91 -11.00
CA PHE C 40 -52.13 -36.33 -9.66
C PHE C 40 -50.81 -35.60 -9.37
N TRP C 41 -50.92 -34.43 -8.78
CA TRP C 41 -49.78 -33.67 -8.30
C TRP C 41 -49.81 -33.60 -6.78
N GLU C 42 -48.69 -33.19 -6.18
CA GLU C 42 -48.60 -33.13 -4.73
C GLU C 42 -47.44 -32.24 -4.31
N LYS C 43 -47.70 -31.35 -3.36
CA LYS C 43 -46.67 -30.59 -2.66
C LYS C 43 -47.11 -30.44 -1.21
N ASN C 44 -46.21 -30.80 -0.28
CA ASN C 44 -46.47 -30.68 1.15
C ASN C 44 -47.69 -31.51 1.57
N GLY C 45 -47.85 -32.67 0.96
CA GLY C 45 -48.92 -33.59 1.33
C GLY C 45 -50.28 -33.25 0.79
N ARG C 46 -50.41 -32.18 0.01
CA ARG C 46 -51.69 -31.78 -0.58
C ARG C 46 -51.62 -31.88 -2.09
N LEU C 47 -52.71 -32.32 -2.70
CA LEU C 47 -52.78 -32.45 -4.15
C LEU C 47 -53.19 -31.12 -4.76
N LEU C 48 -52.44 -30.69 -5.78
CA LEU C 48 -52.60 -29.37 -6.37
C LEU C 48 -53.13 -29.41 -7.79
N GLY C 49 -53.30 -30.59 -8.36
CA GLY C 49 -53.81 -30.70 -9.72
C GLY C 49 -53.97 -32.13 -10.20
N LYS C 50 -55.05 -32.38 -10.94
CA LYS C 50 -55.32 -33.70 -11.51
C LYS C 50 -55.03 -33.76 -13.00
N GLU C 51 -54.40 -32.73 -13.56
CA GLU C 51 -54.07 -32.69 -14.98
C GLU C 51 -52.65 -33.17 -15.21
N SER C 52 -52.30 -33.31 -16.49
CA SER C 52 -50.96 -33.78 -16.85
C SER C 52 -49.89 -32.75 -16.51
N GLN C 53 -50.23 -31.46 -16.58
CA GLN C 53 -49.29 -30.39 -16.30
C GLN C 53 -49.84 -29.48 -15.20
N LEU C 54 -48.96 -29.08 -14.29
CA LEU C 54 -49.29 -28.19 -13.18
C LEU C 54 -48.57 -26.86 -13.43
N ASN C 55 -49.35 -25.81 -13.68
CA ASN C 55 -48.85 -24.56 -14.25
C ASN C 55 -49.28 -23.39 -13.38
N PHE C 56 -48.45 -22.34 -13.38
CA PHE C 56 -48.69 -21.15 -12.59
C PHE C 56 -48.74 -19.92 -13.50
N ASP C 57 -49.58 -18.96 -13.12
CA ASP C 57 -49.74 -17.76 -13.92
C ASP C 57 -48.67 -16.73 -13.59
N SER C 58 -48.32 -16.58 -12.32
CA SER C 58 -47.20 -15.74 -11.90
C SER C 58 -46.60 -16.37 -10.66
N ILE C 59 -45.37 -16.84 -10.77
CA ILE C 59 -44.77 -17.67 -9.72
C ILE C 59 -44.33 -16.80 -8.56
N SER C 60 -44.61 -17.27 -7.36
CA SER C 60 -44.11 -16.51 -6.22
C SER C 60 -43.09 -17.35 -5.45
N PRO C 61 -42.12 -16.71 -4.80
CA PRO C 61 -41.06 -17.47 -4.11
C PRO C 61 -41.56 -18.57 -3.18
N GLU C 62 -42.76 -18.43 -2.61
CA GLU C 62 -43.29 -19.45 -1.73
C GLU C 62 -43.88 -20.63 -2.50
N ASP C 63 -44.08 -20.51 -3.81
CA ASP C 63 -44.43 -21.67 -4.63
C ASP C 63 -43.25 -22.63 -4.78
N ALA C 64 -42.04 -22.20 -4.41
CA ALA C 64 -40.88 -23.07 -4.48
C ALA C 64 -40.98 -24.18 -3.44
N GLY C 65 -40.52 -25.36 -3.83
CA GLY C 65 -40.58 -26.50 -2.95
C GLY C 65 -40.34 -27.78 -3.72
N SER C 66 -40.63 -28.91 -3.07
CA SER C 66 -40.46 -30.22 -3.66
C SER C 66 -41.81 -30.75 -4.11
N TYR C 67 -41.96 -30.94 -5.42
CA TYR C 67 -43.19 -31.43 -6.02
C TYR C 67 -43.02 -32.90 -6.44
N SER C 68 -44.15 -33.53 -6.74
CA SER C 68 -44.16 -34.93 -7.15
C SER C 68 -45.48 -35.25 -7.80
N CYS C 69 -45.46 -36.27 -8.68
CA CYS C 69 -46.66 -36.73 -9.36
C CYS C 69 -46.76 -38.24 -9.27
N TRP C 70 -47.94 -38.76 -9.59
CA TRP C 70 -48.15 -40.20 -9.67
C TRP C 70 -49.39 -40.45 -10.50
N VAL C 71 -49.32 -41.47 -11.34
CA VAL C 71 -50.39 -41.76 -12.29
C VAL C 71 -50.91 -43.17 -12.10
N THR C 78 -45.51 -46.30 -8.95
CA THR C 78 -46.29 -45.37 -9.75
C THR C 78 -45.95 -43.92 -9.38
N ALA C 79 -45.33 -43.74 -8.23
CA ALA C 79 -45.02 -42.41 -7.73
C ALA C 79 -43.75 -41.87 -8.36
N SER C 80 -43.76 -40.58 -8.68
CA SER C 80 -42.55 -39.92 -9.15
C SER C 80 -41.54 -39.79 -8.00
N LYS C 81 -40.36 -39.28 -8.33
CA LYS C 81 -39.37 -38.94 -7.33
C LYS C 81 -39.30 -37.43 -7.19
N ALA C 82 -39.02 -36.98 -5.96
CA ALA C 82 -39.16 -35.57 -5.62
C ALA C 82 -38.29 -34.69 -6.51
N TRP C 83 -38.88 -33.61 -7.02
CA TRP C 83 -38.18 -32.62 -7.81
C TRP C 83 -38.41 -31.25 -7.17
N THR C 84 -37.32 -30.53 -6.91
CA THR C 84 -37.39 -29.29 -6.15
C THR C 84 -37.50 -28.10 -7.10
N LEU C 85 -38.60 -27.36 -6.99
CA LEU C 85 -38.76 -26.11 -7.71
C LEU C 85 -38.03 -25.00 -6.95
N GLU C 86 -37.15 -24.29 -7.66
CA GLU C 86 -36.39 -23.19 -7.06
C GLU C 86 -36.68 -21.92 -7.82
N VAL C 87 -37.08 -20.87 -7.08
CA VAL C 87 -37.46 -19.59 -7.66
C VAL C 87 -36.39 -18.57 -7.28
N LEU C 88 -35.81 -17.94 -8.29
CA LEU C 88 -34.87 -16.85 -8.10
C LEU C 88 -35.59 -15.52 -8.22
N TYR C 89 -35.22 -14.55 -7.38
CA TYR C 89 -35.91 -13.27 -7.35
C TYR C 89 -34.98 -12.18 -6.85
N ALA C 90 -35.31 -10.95 -7.25
CA ALA C 90 -34.58 -9.78 -6.81
C ALA C 90 -34.76 -9.59 -5.29
N PRO C 91 -33.86 -8.86 -4.65
CA PRO C 91 -34.02 -8.61 -3.20
C PRO C 91 -35.33 -7.89 -2.91
N ARG C 92 -36.05 -8.41 -1.91
CA ARG C 92 -37.33 -7.88 -1.50
C ARG C 92 -37.37 -7.77 0.03
N ARG C 93 -38.36 -7.02 0.52
CA ARG C 93 -38.60 -6.86 1.95
C ARG C 93 -37.36 -6.31 2.67
N LEU C 94 -36.75 -5.28 2.08
CA LEU C 94 -35.57 -4.66 2.65
C LEU C 94 -35.97 -3.62 3.69
N ARG C 95 -35.35 -3.70 4.87
CA ARG C 95 -35.58 -2.74 5.94
C ARG C 95 -34.25 -2.46 6.63
N VAL C 96 -34.04 -1.20 6.99
CA VAL C 96 -32.80 -0.76 7.64
C VAL C 96 -33.01 -0.85 9.16
N SER C 97 -32.41 -1.86 9.77
CA SER C 97 -32.40 -1.96 11.23
C SER C 97 -31.28 -1.11 11.81
N MET C 98 -31.47 -0.69 13.06
CA MET C 98 -30.50 0.19 13.72
C MET C 98 -30.23 -0.32 15.13
N SER C 99 -28.96 -0.47 15.46
CA SER C 99 -28.51 -0.90 16.78
C SER C 99 -27.56 0.12 17.36
N PRO C 100 -27.71 0.52 18.63
CA PRO C 100 -28.71 0.05 19.60
C PRO C 100 -30.14 0.48 19.27
N GLY C 101 -30.27 1.47 18.39
CA GLY C 101 -31.58 1.95 18.00
C GLY C 101 -31.44 3.16 17.11
N ASP C 102 -32.60 3.75 16.78
CA ASP C 102 -32.62 4.97 15.99
C ASP C 102 -32.38 6.22 16.83
N GLN C 103 -32.24 6.08 18.15
CA GLN C 103 -31.94 7.19 19.05
C GLN C 103 -30.57 6.92 19.67
N VAL C 104 -29.53 7.52 19.11
CA VAL C 104 -28.16 7.32 19.56
C VAL C 104 -27.60 8.64 20.04
N MET C 105 -26.91 8.61 21.18
CA MET C 105 -26.23 9.79 21.69
C MET C 105 -25.06 10.18 20.79
N GLU C 106 -24.77 11.47 20.73
CA GLU C 106 -23.66 11.94 19.93
C GLU C 106 -22.33 11.45 20.51
N GLY C 107 -21.37 11.23 19.62
CA GLY C 107 -20.07 10.73 20.01
C GLY C 107 -19.96 9.22 20.14
N LYS C 108 -21.06 8.49 19.95
CA LYS C 108 -21.02 7.03 20.07
C LYS C 108 -21.35 6.36 18.74
N SER C 109 -21.71 5.08 18.78
CA SER C 109 -21.83 4.27 17.58
C SER C 109 -23.28 4.03 17.21
N ALA C 110 -23.56 4.07 15.90
CA ALA C 110 -24.88 3.75 15.35
C ALA C 110 -24.67 2.83 14.16
N THR C 111 -25.12 1.59 14.27
CA THR C 111 -24.92 0.58 13.24
C THR C 111 -26.21 0.34 12.47
N LEU C 112 -26.12 0.45 11.14
CA LEU C 112 -27.26 0.28 10.25
C LEU C 112 -27.12 -1.03 9.51
N THR C 113 -28.08 -1.93 9.72
CA THR C 113 -28.10 -3.23 9.06
C THR C 113 -29.20 -3.23 8.00
N CYS C 114 -28.85 -3.64 6.79
CA CYS C 114 -29.79 -3.70 5.68
C CYS C 114 -30.34 -5.11 5.59
N GLU C 115 -31.43 -5.36 6.33
CA GLU C 115 -32.08 -6.66 6.29
C GLU C 115 -32.59 -6.93 4.88
N SER C 116 -32.41 -8.17 4.42
CA SER C 116 -32.72 -8.50 3.04
C SER C 116 -33.31 -9.91 2.96
N ASP C 117 -33.93 -10.19 1.82
CA ASP C 117 -34.35 -11.55 1.48
C ASP C 117 -34.28 -11.68 -0.03
N ALA C 118 -33.36 -12.52 -0.50
CA ALA C 118 -33.14 -12.67 -1.94
C ALA C 118 -32.65 -14.07 -2.23
N ASN C 119 -32.74 -14.45 -3.49
CA ASN C 119 -32.23 -15.74 -3.98
C ASN C 119 -31.82 -15.58 -5.43
N PRO C 120 -30.51 -15.59 -5.75
CA PRO C 120 -29.37 -15.74 -4.83
C PRO C 120 -29.21 -14.53 -3.91
N PRO C 121 -28.49 -14.71 -2.79
CA PRO C 121 -28.34 -13.60 -1.83
C PRO C 121 -27.69 -12.38 -2.46
N VAL C 122 -27.80 -11.27 -1.75
CA VAL C 122 -27.32 -9.98 -2.27
C VAL C 122 -25.81 -10.04 -2.43
N SER C 123 -25.33 -9.63 -3.61
CA SER C 123 -23.90 -9.59 -3.86
C SER C 123 -23.26 -8.37 -3.22
N HIS C 124 -23.78 -7.19 -3.51
CA HIS C 124 -23.27 -5.95 -2.95
C HIS C 124 -24.43 -5.03 -2.60
N TYR C 125 -24.22 -4.18 -1.60
CA TYR C 125 -25.21 -3.23 -1.13
C TYR C 125 -24.83 -1.82 -1.57
N THR C 126 -25.81 -0.92 -1.47
CA THR C 126 -25.60 0.49 -1.76
C THR C 126 -26.42 1.32 -0.78
N TRP C 127 -25.76 2.26 -0.09
CA TRP C 127 -26.40 3.07 0.93
C TRP C 127 -26.56 4.50 0.45
N PHE C 128 -27.69 5.11 0.80
CA PHE C 128 -27.98 6.49 0.43
C PHE C 128 -28.47 7.25 1.66
N ASP C 129 -28.42 8.58 1.55
CA ASP C 129 -28.95 9.47 2.58
C ASP C 129 -30.30 10.03 2.11
N TRP C 130 -30.77 11.08 2.79
CA TRP C 130 -32.06 11.66 2.44
C TRP C 130 -32.01 12.38 1.09
N ASN C 131 -30.85 12.89 0.71
CA ASN C 131 -30.68 13.56 -0.58
C ASN C 131 -30.26 12.61 -1.68
N ASN C 132 -30.37 11.30 -1.45
CA ASN C 132 -30.02 10.27 -2.44
C ASN C 132 -28.55 10.34 -2.84
N GLN C 133 -27.68 10.75 -1.91
CA GLN C 133 -26.25 10.71 -2.11
C GLN C 133 -25.71 9.35 -1.66
N SER C 134 -24.96 8.69 -2.53
CA SER C 134 -24.41 7.39 -2.20
C SER C 134 -23.31 7.53 -1.14
N LEU C 135 -23.28 6.58 -0.20
CA LEU C 135 -22.26 6.66 0.83
C LEU C 135 -21.24 5.54 0.69
N PRO C 136 -19.97 5.80 1.01
CA PRO C 136 -18.91 4.84 0.68
C PRO C 136 -18.92 3.57 1.52
N TYR C 137 -19.96 2.76 1.38
CA TYR C 137 -20.05 1.49 2.08
C TYR C 137 -20.69 0.46 1.16
N HIS C 138 -20.25 -0.79 1.29
CA HIS C 138 -20.70 -1.85 0.40
C HIS C 138 -21.18 -3.11 1.11
N SER C 139 -20.98 -3.23 2.42
CA SER C 139 -21.37 -4.42 3.16
C SER C 139 -22.82 -4.30 3.63
N GLN C 140 -23.32 -5.37 4.26
CA GLN C 140 -24.69 -5.36 4.75
C GLN C 140 -24.85 -4.44 5.94
N LYS C 141 -23.83 -4.34 6.79
CA LYS C 141 -23.87 -3.47 7.96
C LYS C 141 -22.94 -2.28 7.77
N LEU C 142 -23.35 -1.13 8.30
CA LEU C 142 -22.62 0.12 8.16
C LEU C 142 -22.52 0.74 9.54
N ARG C 143 -21.29 0.98 10.01
CA ARG C 143 -21.06 1.52 11.33
C ARG C 143 -20.70 3.00 11.22
N LEU C 144 -21.56 3.86 11.79
CA LEU C 144 -21.27 5.29 11.89
C LEU C 144 -20.65 5.56 13.25
N GLU C 145 -19.43 6.09 13.26
CA GLU C 145 -18.71 6.31 14.50
C GLU C 145 -17.55 7.28 14.29
N PRO C 146 -17.54 8.42 15.01
CA PRO C 146 -18.56 8.83 15.96
C PRO C 146 -19.70 9.59 15.29
N VAL C 147 -20.94 9.29 15.69
CA VAL C 147 -22.09 9.95 15.07
C VAL C 147 -22.17 11.40 15.56
N LYS C 148 -22.65 12.27 14.68
CA LYS C 148 -22.84 13.68 15.00
C LYS C 148 -24.32 14.02 14.84
N VAL C 149 -24.73 15.10 15.51
CA VAL C 149 -26.13 15.52 15.44
C VAL C 149 -26.50 15.94 14.03
N GLN C 150 -25.51 16.39 13.24
CA GLN C 150 -25.77 16.72 11.84
C GLN C 150 -26.09 15.49 11.00
N HIS C 151 -25.70 14.29 11.46
CA HIS C 151 -26.00 13.06 10.76
C HIS C 151 -27.44 12.61 10.95
N SER C 152 -28.26 13.36 11.68
CA SER C 152 -29.66 13.01 11.84
C SER C 152 -30.39 13.21 10.53
N GLY C 153 -31.14 12.20 10.11
CA GLY C 153 -31.86 12.26 8.86
C GLY C 153 -32.25 10.87 8.40
N ALA C 154 -32.75 10.82 7.17
CA ALA C 154 -33.26 9.58 6.60
C ALA C 154 -32.16 8.85 5.82
N TYR C 155 -32.11 7.53 5.98
CA TYR C 155 -31.17 6.69 5.26
C TYR C 155 -31.91 5.48 4.69
N TRP C 156 -31.37 4.94 3.60
CA TRP C 156 -31.94 3.75 2.99
C TRP C 156 -30.85 3.02 2.22
N CYS C 157 -31.01 1.71 2.13
CA CYS C 157 -30.06 0.82 1.47
C CYS C 157 -30.67 0.26 0.19
N GLN C 158 -29.87 -0.52 -0.52
CA GLN C 158 -30.29 -1.13 -1.77
C GLN C 158 -29.51 -2.42 -1.99
N GLY C 159 -30.22 -3.50 -2.33
CA GLY C 159 -29.58 -4.77 -2.59
C GLY C 159 -29.57 -5.13 -4.07
N THR C 160 -28.63 -5.97 -4.48
CA THR C 160 -28.51 -6.38 -5.87
C THR C 160 -28.10 -7.83 -5.93
N ASN C 161 -28.64 -8.57 -6.91
CA ASN C 161 -28.24 -9.94 -7.14
C ASN C 161 -28.32 -10.28 -8.63
N SER C 162 -28.54 -11.56 -8.94
CA SER C 162 -28.51 -12.00 -10.33
C SER C 162 -29.71 -11.49 -11.12
N VAL C 163 -30.86 -11.30 -10.46
CA VAL C 163 -32.08 -10.95 -11.17
C VAL C 163 -32.24 -9.44 -11.27
N GLY C 164 -32.37 -8.77 -10.14
CA GLY C 164 -32.61 -7.34 -10.15
C GLY C 164 -32.18 -6.67 -8.87
N LYS C 165 -32.77 -5.50 -8.62
CA LYS C 165 -32.46 -4.66 -7.48
C LYS C 165 -33.62 -4.66 -6.48
N GLY C 166 -33.35 -4.07 -5.31
CA GLY C 166 -34.35 -3.96 -4.27
C GLY C 166 -34.12 -2.75 -3.38
N ARG C 167 -35.16 -1.95 -3.19
CA ARG C 167 -35.07 -0.72 -2.42
C ARG C 167 -35.74 -0.89 -1.06
N SER C 168 -35.21 -0.19 -0.05
CA SER C 168 -35.78 -0.15 1.29
C SER C 168 -36.39 1.22 1.56
N PRO C 169 -37.41 1.30 2.40
CA PRO C 169 -38.02 2.61 2.71
C PRO C 169 -37.08 3.48 3.52
N LEU C 170 -37.43 4.76 3.57
CA LEU C 170 -36.62 5.75 4.29
C LEU C 170 -36.75 5.50 5.79
N SER C 171 -35.68 4.98 6.40
CA SER C 171 -35.60 4.80 7.84
C SER C 171 -34.67 5.87 8.41
N THR C 172 -35.18 6.71 9.28
CA THR C 172 -34.44 7.85 9.80
C THR C 172 -33.76 7.51 11.12
N LEU C 173 -32.59 8.11 11.32
CA LEU C 173 -31.83 7.97 12.54
C LEU C 173 -31.70 9.34 13.20
N THR C 174 -31.89 9.38 14.51
CA THR C 174 -31.85 10.61 15.27
C THR C 174 -30.65 10.60 16.21
N VAL C 175 -29.87 11.68 16.18
CA VAL C 175 -28.72 11.85 17.05
C VAL C 175 -29.03 12.97 18.02
N TYR C 176 -29.04 12.65 19.32
CA TYR C 176 -29.31 13.62 20.36
C TYR C 176 -28.04 13.94 21.13
N TYR C 177 -27.98 15.17 21.64
CA TYR C 177 -26.83 15.60 22.43
C TYR C 177 -26.80 14.86 23.76
N SER C 178 -25.66 14.95 24.44
CA SER C 178 -25.57 14.37 25.76
C SER C 178 -26.03 15.37 26.81
N PRO C 179 -26.61 14.91 27.93
CA PRO C 179 -27.10 15.84 28.95
C PRO C 179 -26.03 16.67 29.65
N GLU C 180 -24.98 17.04 28.93
CA GLU C 180 -23.95 17.93 29.46
C GLU C 180 -23.20 18.61 28.32
S SO4 D . -21.45 19.66 8.50
O1 SO4 D . -20.27 20.43 8.90
O2 SO4 D . -21.19 18.24 8.69
O3 SO4 D . -21.76 19.92 7.10
O4 SO4 D . -22.58 20.06 9.34
S SO4 E . -10.20 12.41 -11.74
O1 SO4 E . -9.02 11.57 -11.55
O2 SO4 E . -10.41 12.65 -13.17
O3 SO4 E . -11.37 11.74 -11.18
O4 SO4 E . -9.99 13.69 -11.06
S SO4 F . 2.00 -2.87 -22.53
O1 SO4 F . 2.92 -3.89 -22.06
O2 SO4 F . 2.76 -1.69 -22.94
O3 SO4 F . 1.26 -3.38 -23.68
O4 SO4 F . 1.08 -2.51 -21.47
C1 GOL G . 3.69 1.18 -14.00
O1 GOL G . 2.88 2.12 -13.36
C2 GOL G . 4.30 0.30 -12.89
O2 GOL G . 3.35 -0.16 -11.99
C3 GOL G . 4.99 -0.86 -13.65
O3 GOL G . 5.76 -1.55 -12.71
C1 GOL H . 53.11 14.25 7.93
O1 GOL H . 52.34 15.36 7.53
C2 GOL H . 52.95 13.19 6.81
O2 GOL H . 53.34 13.67 5.57
C3 GOL H . 53.82 11.99 7.28
O3 GOL H . 53.78 11.05 6.25
C1 NAG I . -34.48 9.28 -4.28
C2 NAG I . -35.53 10.34 -4.59
C3 NAG I . -36.94 9.77 -4.39
C4 NAG I . -37.10 8.48 -5.20
C5 NAG I . -35.99 7.50 -4.86
C6 NAG I . -36.03 6.25 -5.71
C7 NAG I . -34.72 12.62 -4.17
C8 NAG I . -34.62 13.74 -3.18
N2 NAG I . -35.35 11.52 -3.75
O3 NAG I . -37.91 10.73 -4.80
O4 NAG I . -38.36 7.88 -4.91
O5 NAG I . -34.72 8.12 -5.10
O6 NAG I . -35.32 6.41 -6.92
O7 NAG I . -34.25 12.71 -5.30
S SO4 J . -41.14 -5.58 -1.54
O1 SO4 J . -41.72 -6.70 -2.26
O2 SO4 J . -39.69 -5.58 -1.69
O3 SO4 J . -41.48 -5.69 -0.12
O4 SO4 J . -41.67 -4.32 -2.07
S SO4 K . -22.85 -4.48 15.98
O1 SO4 K . -22.40 -5.78 16.49
O2 SO4 K . -21.94 -4.04 14.92
O3 SO4 K . -24.20 -4.63 15.43
O4 SO4 K . -22.86 -3.51 17.07
C1 GOL L . -34.59 -3.16 15.88
O1 GOL L . -34.98 -4.44 15.52
C2 GOL L . -34.79 -2.25 14.66
O2 GOL L . -36.11 -2.26 14.22
C3 GOL L . -34.34 -0.85 15.11
O3 GOL L . -34.42 -0.02 13.99
#